data_6XIB
#
_entry.id   6XIB
#
_cell.length_a   71.027
_cell.length_b   71.027
_cell.length_c   152.357
_cell.angle_alpha   90
_cell.angle_beta   90
_cell.angle_gamma   120
#
_symmetry.space_group_name_H-M   'P 32 2 1'
#
loop_
_entity.id
_entity.type
_entity.pdbx_description
1 polymer 'Proprotein convertase subtilisin/kexin type 9'
2 polymer 'Proprotein convertase subtilisin/kexin type 9'
3 polymer 'Peptide 30'
4 non-polymer GLYCEROL
5 water water
#
loop_
_entity_poly.entity_id
_entity_poly.type
_entity_poly.pdbx_seq_one_letter_code
_entity_poly.pdbx_strand_id
1 'polypeptide(L)'
;QEDEDGDYEELVLALRSEEDGLAEAPEHGTTATFHRCAKDPWRLPGTYVVVLKEETHLSQSERTARRLQAQAARRGYLTK
ILHVFHGLLPGFLVKMSGDLLELALKLPHVDYIEEDSSVFAQ
;
A
2 'polypeptide(L)'
;SIPWNLERITPPRYRADEYQPPDGGSLVEVYLLDTSIQSDHREIEGRVMVTDFENVPEEDGTRFHRQASKCDSHGTHLAG
VVSGRDAGVAKGASMRSLRVLNCQGKGTVSGTLIGLEFIRKSQLVQPVGPLVVLLPLAGGYSRVLNAACQRLARAGVVLV
TAAGNFRDDACLYSPASAPEVITVGATNAQDQPVTLGTLGTNFGRCVDLFAPGEDIIGASSDCSTCFVSQSGTSQAAAHV
AGIAAMMLSAEPELTLAELRQRLIHFSAKDVINEAWFPEDQRVLTPNLVAALPPSTHGAGNSHHHHHH
;
B
3 'polypeptide(L)' (YRV)KG(FTR)(FTR)DHY(3WX)CA I
#
loop_
_chem_comp.id
_chem_comp.type
_chem_comp.name
_chem_comp.formula
3WX peptide-like 2-methyl-L-proline 'C6 H11 N O2'
GOL non-polymer GLYCEROL 'C3 H8 O3'
#
# COMPACT_ATOMS: atom_id res chain seq x y z
N THR A 31 -3.08 27.37 15.61
CA THR A 31 -3.77 26.61 14.56
C THR A 31 -3.16 25.21 14.33
N ALA A 32 -2.00 24.90 14.93
CA ALA A 32 -1.42 23.55 14.77
C ALA A 32 -2.20 22.60 15.67
N THR A 33 -2.54 21.41 15.15
CA THR A 33 -3.38 20.44 15.86
C THR A 33 -2.70 19.10 16.08
N PHE A 34 -3.17 18.33 17.08
CA PHE A 34 -2.66 17.01 17.43
C PHE A 34 -3.68 15.95 16.99
N HIS A 35 -3.18 14.82 16.46
CA HIS A 35 -4.06 13.76 16.00
C HIS A 35 -3.53 12.40 16.42
N ARG A 36 -4.43 11.51 16.87
CA ARG A 36 -4.00 10.14 17.20
C ARG A 36 -5.03 9.14 16.67
N CYS A 37 -4.60 7.89 16.39
CA CYS A 37 -5.48 6.88 15.82
C CYS A 37 -6.77 6.66 16.64
N ALA A 38 -7.93 6.63 15.97
CA ALA A 38 -9.24 6.36 16.61
C ALA A 38 -9.36 4.89 17.07
N LYS A 39 -8.58 3.98 16.45
CA LYS A 39 -8.55 2.57 16.86
C LYS A 39 -7.47 2.47 17.93
N ASP A 40 -7.89 2.63 19.20
CA ASP A 40 -7.00 2.69 20.34
C ASP A 40 -5.97 1.54 20.39
N PRO A 41 -6.29 0.26 20.11
CA PRO A 41 -5.25 -0.79 20.13
C PRO A 41 -4.18 -0.69 19.02
N TRP A 42 -4.45 0.12 18.01
CA TRP A 42 -3.49 0.33 16.91
C TRP A 42 -2.55 1.52 17.13
N ARG A 43 -2.76 2.30 18.20
CA ARG A 43 -1.90 3.43 18.50
C ARG A 43 -0.50 2.95 18.92
N LEU A 44 0.52 3.76 18.64
CA LEU A 44 1.90 3.50 19.06
C LEU A 44 2.41 4.71 19.83
N PRO A 45 1.97 4.88 21.08
CA PRO A 45 2.40 6.07 21.86
C PRO A 45 3.91 6.19 22.02
N GLY A 46 4.39 7.43 22.15
CA GLY A 46 5.80 7.68 22.37
C GLY A 46 6.62 8.06 21.15
N THR A 47 6.04 7.94 19.94
CA THR A 47 6.70 8.34 18.70
C THR A 47 5.71 9.20 17.92
N TYR A 48 6.15 10.37 17.49
CA TYR A 48 5.30 11.35 16.84
C TYR A 48 5.88 11.86 15.53
N VAL A 49 5.00 12.06 14.52
CA VAL A 49 5.39 12.64 13.24
C VAL A 49 5.02 14.12 13.31
N VAL A 50 6.04 14.99 13.29
CA VAL A 50 5.81 16.43 13.34
C VAL A 50 5.81 16.91 11.90
N VAL A 51 4.65 17.35 11.40
CA VAL A 51 4.49 17.76 10.02
C VAL A 51 4.54 19.28 9.92
N LEU A 52 5.49 19.79 9.12
CA LEU A 52 5.62 21.23 8.96
C LEU A 52 4.83 21.74 7.73
N LYS A 53 4.64 23.06 7.64
CA LYS A 53 3.91 23.70 6.56
C LYS A 53 4.55 23.36 5.20
N GLU A 54 3.71 23.17 4.18
CA GLU A 54 4.01 22.71 2.82
C GLU A 54 5.40 23.11 2.23
N GLU A 55 5.73 24.40 2.20
CA GLU A 55 6.96 24.86 1.59
C GLU A 55 8.16 24.99 2.53
N THR A 56 8.07 24.37 3.73
CA THR A 56 9.18 24.44 4.68
C THR A 56 10.40 23.74 4.11
N HIS A 57 11.55 24.43 4.15
CA HIS A 57 12.78 23.89 3.62
C HIS A 57 13.46 22.92 4.59
N LEU A 58 14.24 21.96 4.07
CA LEU A 58 14.98 20.98 4.88
C LEU A 58 15.83 21.63 5.99
N SER A 59 16.52 22.75 5.70
CA SER A 59 17.30 23.45 6.72
C SER A 59 16.42 23.94 7.87
N GLN A 60 15.21 24.42 7.57
CA GLN A 60 14.24 24.90 8.57
C GLN A 60 13.72 23.68 9.38
N SER A 61 13.43 22.55 8.70
CA SER A 61 13.00 21.33 9.41
C SER A 61 14.06 20.87 10.44
N GLU A 62 15.34 20.84 10.02
CA GLU A 62 16.43 20.44 10.91
C GLU A 62 16.56 21.41 12.10
N ARG A 63 16.44 22.72 11.84
CA ARG A 63 16.55 23.72 12.91
C ARG A 63 15.40 23.58 13.90
N THR A 64 14.18 23.33 13.41
CA THR A 64 12.99 23.16 14.25
C THR A 64 13.14 21.92 15.13
N ALA A 65 13.68 20.82 14.57
CA ALA A 65 13.89 19.59 15.36
C ALA A 65 14.91 19.87 16.48
N ARG A 66 15.99 20.61 16.17
CA ARG A 66 17.00 20.93 17.20
C ARG A 66 16.40 21.86 18.29
N ARG A 67 15.51 22.78 17.87
CA ARG A 67 14.85 23.69 18.79
C ARG A 67 13.93 22.90 19.76
N LEU A 68 13.22 21.88 19.23
CA LEU A 68 12.39 21.02 20.07
C LEU A 68 13.27 20.28 21.08
N GLN A 69 14.40 19.70 20.63
CA GLN A 69 15.28 18.99 21.56
C GLN A 69 15.78 19.89 22.69
N ALA A 70 16.13 21.16 22.33
CA ALA A 70 16.61 22.12 23.34
C ALA A 70 15.50 22.54 24.32
N GLN A 71 14.30 22.88 23.82
CA GLN A 71 13.19 23.27 24.71
C GLN A 71 12.78 22.11 25.62
N ALA A 72 12.79 20.89 25.07
CA ALA A 72 12.46 19.70 25.86
C ALA A 72 13.49 19.50 26.97
N ALA A 73 14.79 19.69 26.65
CA ALA A 73 15.87 19.53 27.62
C ALA A 73 15.76 20.53 28.75
N ARG A 74 15.30 21.77 28.45
CA ARG A 74 15.13 22.77 29.51
C ARG A 74 14.04 22.36 30.53
N ARG A 75 13.10 21.50 30.12
CA ARG A 75 12.06 20.96 30.98
C ARG A 75 12.42 19.59 31.62
N GLY A 76 13.62 19.08 31.35
CA GLY A 76 14.13 17.83 31.88
C GLY A 76 13.82 16.60 31.06
N TYR A 77 13.39 16.78 29.81
CA TYR A 77 13.02 15.65 28.96
C TYR A 77 14.02 15.30 27.88
N LEU A 78 14.27 14.00 27.70
CA LEU A 78 15.08 13.50 26.61
C LEU A 78 14.20 13.37 25.38
N THR A 79 14.80 13.58 24.22
CA THR A 79 14.13 13.42 22.93
C THR A 79 15.13 12.76 21.98
N LYS A 80 14.62 12.12 20.92
CA LYS A 80 15.49 11.51 19.92
C LYS A 80 14.89 11.74 18.54
N ILE A 81 15.64 12.37 17.64
CA ILE A 81 15.15 12.64 16.29
C ILE A 81 15.46 11.41 15.43
N LEU A 82 14.45 10.60 15.16
CA LEU A 82 14.64 9.37 14.39
C LEU A 82 14.85 9.58 12.89
N HIS A 83 14.22 10.62 12.32
CA HIS A 83 14.28 10.87 10.88
C HIS A 83 13.87 12.29 10.58
N VAL A 84 14.47 12.93 9.57
CA VAL A 84 14.05 14.26 9.16
C VAL A 84 13.53 14.09 7.72
N PHE A 85 12.24 14.38 7.51
CA PHE A 85 11.56 14.25 6.23
C PHE A 85 11.80 15.43 5.29
N HIS A 86 11.91 15.14 4.00
CA HIS A 86 12.02 16.12 2.91
C HIS A 86 11.78 15.41 1.57
N GLY A 87 11.03 16.05 0.68
CA GLY A 87 10.73 15.46 -0.62
C GLY A 87 9.24 15.40 -0.92
N LEU A 88 8.43 15.02 0.07
CA LEU A 88 6.97 14.96 -0.10
C LEU A 88 6.37 15.85 1.01
N LEU A 89 6.64 15.50 2.27
CA LEU A 89 6.17 16.24 3.43
C LEU A 89 7.36 16.67 4.26
N PRO A 90 7.54 17.98 4.50
CA PRO A 90 8.62 18.41 5.40
C PRO A 90 8.23 18.13 6.86
N GLY A 91 9.21 17.76 7.66
CA GLY A 91 8.98 17.48 9.07
C GLY A 91 9.98 16.51 9.64
N PHE A 92 9.61 15.84 10.72
CA PHE A 92 10.52 14.90 11.36
C PHE A 92 9.79 13.91 12.26
N LEU A 93 10.43 12.79 12.52
CA LEU A 93 9.91 11.73 13.36
C LEU A 93 10.67 11.83 14.68
N VAL A 94 9.95 11.98 15.80
CA VAL A 94 10.60 12.14 17.10
C VAL A 94 10.11 11.14 18.16
N LYS A 95 11.03 10.55 18.91
CA LYS A 95 10.68 9.69 20.03
C LYS A 95 10.76 10.56 21.28
N MET A 96 9.62 10.80 21.92
CA MET A 96 9.59 11.67 23.10
C MET A 96 8.29 11.43 23.88
N SER A 97 8.24 11.91 25.11
CA SER A 97 7.04 11.84 25.92
C SER A 97 5.95 12.74 25.28
N GLY A 98 4.72 12.24 25.25
CA GLY A 98 3.57 13.04 24.79
C GLY A 98 3.36 14.28 25.66
N ASP A 99 3.97 14.33 26.87
CA ASP A 99 3.91 15.52 27.74
C ASP A 99 4.38 16.77 27.00
N LEU A 100 5.30 16.61 26.02
CA LEU A 100 5.85 17.72 25.27
C LEU A 100 4.98 18.19 24.09
N LEU A 101 3.81 17.59 23.85
CA LEU A 101 2.98 17.97 22.68
C LEU A 101 2.51 19.43 22.69
N GLU A 102 2.09 19.97 23.85
CA GLU A 102 1.64 21.38 23.90
C GLU A 102 2.80 22.30 23.46
N LEU A 103 4.01 22.03 23.98
CA LEU A 103 5.22 22.77 23.62
C LEU A 103 5.53 22.60 22.11
N ALA A 104 5.51 21.35 21.62
CA ALA A 104 5.86 21.08 20.22
C ALA A 104 4.92 21.75 19.22
N LEU A 105 3.62 21.86 19.57
CA LEU A 105 2.65 22.49 18.66
C LEU A 105 2.88 24.00 18.49
N LYS A 106 3.65 24.60 19.39
CA LYS A 106 3.97 26.04 19.32
C LYS A 106 5.27 26.33 18.54
N LEU A 107 5.99 25.29 18.07
CA LEU A 107 7.25 25.47 17.33
C LEU A 107 6.99 26.18 16.00
N PRO A 108 7.98 26.94 15.51
CA PRO A 108 7.79 27.61 14.21
C PRO A 108 7.59 26.57 13.10
N HIS A 109 6.75 26.93 12.11
CA HIS A 109 6.43 26.15 10.91
C HIS A 109 5.54 24.91 11.16
N VAL A 110 5.13 24.61 12.41
CA VAL A 110 4.34 23.39 12.63
C VAL A 110 2.95 23.48 12.00
N ASP A 111 2.56 22.46 11.24
CA ASP A 111 1.22 22.36 10.64
C ASP A 111 0.38 21.47 11.58
N TYR A 112 0.87 20.25 11.88
CA TYR A 112 0.15 19.35 12.79
C TYR A 112 1.07 18.23 13.24
N ILE A 113 0.70 17.52 14.31
CA ILE A 113 1.51 16.42 14.83
C ILE A 113 0.62 15.20 14.94
N GLU A 114 1.12 14.03 14.51
CA GLU A 114 0.34 12.81 14.60
C GLU A 114 1.09 11.73 15.35
N GLU A 115 0.43 11.07 16.33
CA GLU A 115 1.05 9.96 17.04
C GLU A 115 1.19 8.79 16.06
N ASP A 116 2.32 8.06 16.09
CA ASP A 116 2.49 6.91 15.19
C ASP A 116 1.43 5.84 15.49
N SER A 117 1.13 4.99 14.50
CA SER A 117 0.13 3.94 14.62
C SER A 117 0.44 2.80 13.66
N SER A 118 -0.20 1.65 13.87
CA SER A 118 0.10 0.46 13.09
C SER A 118 -0.61 0.39 11.72
N VAL A 119 0.02 -0.29 10.77
CA VAL A 119 -0.56 -0.68 9.51
C VAL A 119 -0.42 -2.21 9.38
N PHE A 120 -1.33 -2.84 8.65
CA PHE A 120 -1.35 -4.31 8.54
C PHE A 120 -1.51 -4.79 7.11
N ALA A 121 -0.87 -5.93 6.79
CA ALA A 121 -0.98 -6.60 5.50
C ALA A 121 -2.45 -6.95 5.26
N GLN A 122 -2.97 -6.68 4.05
CA GLN A 122 -4.36 -7.01 3.74
C GLN A 122 -4.45 -8.22 2.80
N SER B 1 -6.23 -24.93 -19.23
CA SER B 1 -6.92 -24.00 -18.34
C SER B 1 -6.00 -22.91 -17.78
N ILE B 2 -6.61 -21.84 -17.27
CA ILE B 2 -5.96 -20.62 -16.77
C ILE B 2 -6.52 -20.30 -15.37
N PRO B 3 -5.76 -19.61 -14.47
CA PRO B 3 -6.37 -19.22 -13.17
C PRO B 3 -7.62 -18.37 -13.41
N TRP B 4 -8.70 -18.61 -12.64
CA TRP B 4 -9.99 -17.92 -12.81
C TRP B 4 -9.85 -16.40 -12.91
N ASN B 5 -8.97 -15.82 -12.08
CA ASN B 5 -8.78 -14.38 -11.99
C ASN B 5 -8.19 -13.80 -13.27
N LEU B 6 -7.24 -14.50 -13.90
CA LEU B 6 -6.65 -14.02 -15.15
C LEU B 6 -7.68 -14.12 -16.30
N GLU B 7 -8.55 -15.15 -16.26
CA GLU B 7 -9.62 -15.26 -17.25
C GLU B 7 -10.63 -14.12 -17.03
N ARG B 8 -10.95 -13.82 -15.75
CA ARG B 8 -11.91 -12.77 -15.39
C ARG B 8 -11.52 -11.37 -15.86
N ILE B 9 -10.23 -11.03 -15.79
CA ILE B 9 -9.78 -9.70 -16.24
C ILE B 9 -9.59 -9.65 -17.79
N THR B 10 -9.73 -10.77 -18.50
CA THR B 10 -9.63 -10.81 -19.95
C THR B 10 -11.02 -10.52 -20.52
N PRO B 11 -11.15 -9.53 -21.41
CA PRO B 11 -12.46 -9.24 -22.01
C PRO B 11 -13.02 -10.44 -22.78
N PRO B 12 -14.34 -10.68 -22.71
CA PRO B 12 -14.92 -11.82 -23.42
C PRO B 12 -15.29 -11.49 -24.87
N GLN B 20 -3.33 -13.90 -23.45
CA GLN B 20 -2.30 -13.79 -22.43
C GLN B 20 -1.08 -12.98 -22.91
N PRO B 21 -1.09 -11.64 -22.72
CA PRO B 21 0.05 -10.82 -23.16
C PRO B 21 1.35 -11.26 -22.47
N PRO B 22 2.41 -11.55 -23.26
CA PRO B 22 3.63 -12.12 -22.68
C PRO B 22 4.62 -11.15 -22.07
N ASP B 23 4.52 -9.86 -22.41
CA ASP B 23 5.46 -8.86 -21.91
C ASP B 23 4.76 -7.55 -21.60
N GLY B 24 3.51 -7.63 -21.13
CA GLY B 24 2.74 -6.44 -20.84
C GLY B 24 3.31 -5.61 -19.70
N GLY B 25 3.19 -4.28 -19.83
CA GLY B 25 3.61 -3.36 -18.78
C GLY B 25 5.10 -3.05 -18.71
N SER B 26 5.87 -3.38 -19.77
CA SER B 26 7.33 -3.21 -19.77
C SER B 26 7.87 -1.78 -19.58
N LEU B 27 7.10 -0.75 -19.92
CA LEU B 27 7.57 0.63 -19.72
C LEU B 27 7.42 1.11 -18.26
N VAL B 28 6.72 0.33 -17.40
CA VAL B 28 6.37 0.76 -16.05
C VAL B 28 7.15 0.06 -14.95
N GLU B 29 7.47 0.80 -13.90
CA GLU B 29 8.13 0.23 -12.74
C GLU B 29 7.09 0.24 -11.61
N VAL B 30 6.91 -0.90 -10.98
CA VAL B 30 5.95 -1.01 -9.88
C VAL B 30 6.69 -1.15 -8.56
N TYR B 31 6.52 -0.17 -7.66
CA TYR B 31 7.13 -0.23 -6.33
C TYR B 31 6.18 -0.97 -5.40
N LEU B 32 6.71 -1.89 -4.59
CA LEU B 32 5.87 -2.66 -3.68
C LEU B 32 6.31 -2.38 -2.23
N LEU B 33 5.40 -1.86 -1.38
CA LEU B 33 5.72 -1.61 0.03
C LEU B 33 5.03 -2.73 0.79
N ASP B 34 5.81 -3.71 1.26
CA ASP B 34 5.21 -4.88 1.88
C ASP B 34 6.20 -5.64 2.78
N THR B 35 6.01 -6.96 2.96
CA THR B 35 6.94 -7.77 3.73
C THR B 35 8.24 -7.98 2.87
N SER B 36 9.22 -8.72 3.43
CA SER B 36 10.37 -9.14 2.65
C SER B 36 9.86 -10.12 1.55
N ILE B 37 10.65 -10.30 0.49
CA ILE B 37 10.24 -11.16 -0.61
C ILE B 37 11.31 -12.20 -0.90
N GLN B 38 10.90 -13.34 -1.47
CA GLN B 38 11.87 -14.38 -1.83
C GLN B 38 12.27 -14.04 -3.25
N SER B 39 13.29 -13.19 -3.41
CA SER B 39 13.66 -12.68 -4.74
C SER B 39 14.20 -13.71 -5.71
N ASP B 40 14.58 -14.91 -5.22
CA ASP B 40 15.06 -15.96 -6.12
C ASP B 40 13.96 -16.98 -6.51
N HIS B 41 12.68 -16.72 -6.13
CA HIS B 41 11.59 -17.60 -6.53
C HIS B 41 11.45 -17.54 -8.05
N ARG B 42 11.38 -18.70 -8.73
CA ARG B 42 11.34 -18.74 -10.19
C ARG B 42 10.28 -17.86 -10.84
N GLU B 43 9.18 -17.63 -10.14
CA GLU B 43 8.09 -16.84 -10.67
C GLU B 43 8.48 -15.35 -10.84
N ILE B 44 9.30 -14.83 -9.92
CA ILE B 44 9.65 -13.41 -9.95
C ILE B 44 11.14 -13.12 -10.05
N GLU B 45 12.00 -14.14 -10.13
CA GLU B 45 13.45 -13.90 -10.19
C GLU B 45 13.83 -13.03 -11.39
N GLY B 46 14.66 -12.02 -11.16
CA GLY B 46 15.08 -11.11 -12.23
C GLY B 46 14.12 -9.95 -12.48
N ARG B 47 12.82 -10.16 -12.19
CA ARG B 47 11.79 -9.12 -12.40
C ARG B 47 11.64 -8.20 -11.20
N VAL B 48 12.00 -8.67 -10.01
CA VAL B 48 11.92 -7.86 -8.81
C VAL B 48 13.32 -7.52 -8.33
N MET B 49 13.55 -6.25 -8.04
CA MET B 49 14.80 -5.73 -7.51
C MET B 49 14.52 -5.39 -6.04
N VAL B 50 15.28 -5.97 -5.13
CA VAL B 50 15.12 -5.72 -3.71
C VAL B 50 15.94 -4.50 -3.34
N THR B 51 15.27 -3.40 -2.99
CA THR B 51 15.98 -2.20 -2.57
C THR B 51 16.65 -2.44 -1.19
N ASP B 52 17.54 -1.53 -0.78
CA ASP B 52 18.12 -1.62 0.56
C ASP B 52 17.13 -1.12 1.67
N PHE B 53 15.91 -0.70 1.28
CA PHE B 53 14.97 -0.13 2.24
C PHE B 53 14.32 -1.13 3.17
N GLU B 54 14.42 -0.86 4.49
CA GLU B 54 13.77 -1.63 5.53
C GLU B 54 13.41 -0.72 6.72
N ASN B 55 12.14 -0.69 7.11
CA ASN B 55 11.72 0.07 8.28
C ASN B 55 10.48 -0.66 8.85
N VAL B 56 10.73 -1.54 9.83
CA VAL B 56 9.69 -2.39 10.39
C VAL B 56 9.73 -2.43 11.91
N PRO B 57 8.55 -2.59 12.52
CA PRO B 57 8.50 -2.72 13.98
C PRO B 57 8.92 -4.13 14.42
N GLU B 58 9.32 -4.28 15.70
CA GLU B 58 9.69 -5.62 16.21
C GLU B 58 8.42 -6.50 16.27
N GLU B 59 8.58 -7.81 15.99
CA GLU B 59 7.46 -8.74 16.07
C GLU B 59 6.96 -8.86 17.52
N ASP B 60 5.67 -9.16 17.69
CA ASP B 60 5.09 -9.33 19.02
C ASP B 60 5.43 -10.75 19.52
N GLY B 61 5.79 -10.84 20.80
CA GLY B 61 6.19 -12.09 21.44
C GLY B 61 7.70 -12.24 21.44
N THR B 62 8.32 -12.33 22.64
CA THR B 62 9.79 -12.43 22.75
C THR B 62 10.40 -13.70 22.18
N ARG B 63 9.61 -14.77 21.95
CA ARG B 63 10.19 -16.00 21.40
C ARG B 63 9.92 -16.18 19.91
N PHE B 64 9.62 -15.10 19.17
CA PHE B 64 9.33 -15.18 17.74
C PHE B 64 10.48 -15.74 16.89
N HIS B 65 10.19 -16.71 16.01
CA HIS B 65 11.18 -17.31 15.13
C HIS B 65 11.05 -16.76 13.71
N ARG B 66 12.10 -16.09 13.24
CA ARG B 66 12.11 -15.45 11.93
C ARG B 66 12.49 -16.40 10.82
N GLN B 67 11.52 -17.16 10.31
CA GLN B 67 11.77 -18.11 9.23
C GLN B 67 11.49 -17.40 7.91
N ALA B 68 12.47 -17.38 6.99
CA ALA B 68 12.32 -16.68 5.71
C ALA B 68 11.04 -17.07 4.95
N SER B 69 10.70 -18.36 4.88
CA SER B 69 9.50 -18.81 4.17
C SER B 69 8.23 -18.18 4.72
N LYS B 70 8.16 -17.95 6.03
CA LYS B 70 6.97 -17.32 6.62
C LYS B 70 7.04 -15.80 6.47
N CYS B 71 8.22 -15.21 6.76
CA CYS B 71 8.42 -13.76 6.66
C CYS B 71 8.11 -13.24 5.25
N ASP B 72 8.45 -14.02 4.21
CA ASP B 72 8.31 -13.60 2.82
C ASP B 72 6.95 -13.89 2.16
N SER B 73 6.05 -14.61 2.84
CA SER B 73 4.82 -15.10 2.22
C SER B 73 3.96 -14.04 1.51
N HIS B 74 3.57 -12.98 2.23
CA HIS B 74 2.66 -11.98 1.69
C HIS B 74 3.24 -11.29 0.44
N GLY B 75 4.42 -10.70 0.60
CA GLY B 75 5.05 -9.94 -0.48
C GLY B 75 5.41 -10.77 -1.71
N THR B 76 5.87 -12.01 -1.50
CA THR B 76 6.21 -12.88 -2.63
C THR B 76 4.96 -13.19 -3.48
N HIS B 77 3.83 -13.46 -2.83
CA HIS B 77 2.59 -13.76 -3.54
C HIS B 77 2.13 -12.57 -4.36
N LEU B 78 2.15 -11.37 -3.75
CA LEU B 78 1.72 -10.14 -4.43
C LEU B 78 2.66 -9.75 -5.59
N ALA B 79 3.97 -9.96 -5.42
CA ALA B 79 4.91 -9.67 -6.54
C ALA B 79 4.58 -10.59 -7.75
N GLY B 80 4.20 -11.83 -7.45
CA GLY B 80 3.80 -12.80 -8.45
C GLY B 80 2.51 -12.42 -9.15
N VAL B 81 1.53 -11.91 -8.41
CA VAL B 81 0.26 -11.48 -9.00
C VAL B 81 0.51 -10.33 -10.00
N VAL B 82 1.40 -9.40 -9.65
CA VAL B 82 1.69 -8.28 -10.54
C VAL B 82 2.47 -8.69 -11.80
N SER B 83 3.61 -9.38 -11.63
CA SER B 83 4.50 -9.62 -12.77
C SER B 83 5.01 -11.04 -12.96
N GLY B 84 4.46 -12.01 -12.26
CA GLY B 84 4.95 -13.38 -12.33
C GLY B 84 5.00 -14.00 -13.73
N ARG B 85 6.07 -14.75 -14.00
CA ARG B 85 6.28 -15.43 -15.28
C ARG B 85 5.08 -16.27 -15.75
N ASP B 86 4.48 -17.07 -14.85
CA ASP B 86 3.38 -17.95 -15.22
C ASP B 86 2.00 -17.43 -14.86
N ALA B 87 1.86 -16.78 -13.69
CA ALA B 87 0.55 -16.38 -13.20
C ALA B 87 0.37 -14.88 -12.93
N GLY B 88 1.25 -14.05 -13.47
CA GLY B 88 1.17 -12.61 -13.29
C GLY B 88 0.31 -11.88 -14.30
N VAL B 89 -0.14 -10.68 -13.95
CA VAL B 89 -0.97 -9.88 -14.83
C VAL B 89 -0.11 -9.15 -15.89
N ALA B 90 0.92 -8.43 -15.46
CA ALA B 90 1.80 -7.64 -16.35
C ALA B 90 3.18 -8.29 -16.35
N LYS B 91 3.36 -9.30 -17.20
CA LYS B 91 4.59 -10.11 -17.25
C LYS B 91 5.88 -9.37 -17.67
N GLY B 92 5.75 -8.17 -18.23
CA GLY B 92 6.91 -7.37 -18.61
C GLY B 92 7.28 -6.28 -17.62
N ALA B 93 6.44 -6.05 -16.59
CA ALA B 93 6.70 -4.99 -15.63
C ALA B 93 7.85 -5.30 -14.67
N SER B 94 8.70 -4.31 -14.45
CA SER B 94 9.79 -4.44 -13.49
C SER B 94 9.23 -4.01 -12.11
N MET B 95 9.73 -4.63 -11.04
CA MET B 95 9.28 -4.26 -9.70
C MET B 95 10.46 -3.92 -8.81
N ARG B 96 10.23 -3.05 -7.84
CA ARG B 96 11.22 -2.71 -6.84
C ARG B 96 10.53 -2.88 -5.49
N SER B 97 11.12 -3.66 -4.58
CA SER B 97 10.48 -3.89 -3.29
C SER B 97 11.11 -3.14 -2.12
N LEU B 98 10.26 -2.63 -1.23
CA LEU B 98 10.66 -1.95 0.00
C LEU B 98 10.00 -2.72 1.14
N ARG B 99 10.76 -2.96 2.22
CA ARG B 99 10.22 -3.70 3.35
C ARG B 99 9.65 -2.77 4.42
N VAL B 100 8.32 -2.68 4.49
CA VAL B 100 7.68 -1.90 5.55
C VAL B 100 6.78 -2.76 6.47
N LEU B 101 6.68 -4.06 6.24
CA LEU B 101 5.87 -4.97 7.07
C LEU B 101 6.79 -6.06 7.60
N ASN B 102 6.69 -6.34 8.91
CA ASN B 102 7.52 -7.35 9.56
C ASN B 102 7.05 -8.80 9.24
N CYS B 103 7.62 -9.82 9.91
CA CYS B 103 7.23 -11.21 9.65
C CYS B 103 5.78 -11.55 9.99
N GLN B 104 5.14 -10.74 10.83
CA GLN B 104 3.72 -10.91 11.16
C GLN B 104 2.80 -10.02 10.30
N GLY B 105 3.34 -9.35 9.28
CA GLY B 105 2.57 -8.49 8.40
C GLY B 105 2.22 -7.14 9.02
N LYS B 106 2.93 -6.73 10.08
CA LYS B 106 2.67 -5.45 10.74
C LYS B 106 3.76 -4.41 10.43
N GLY B 107 3.32 -3.18 10.22
CA GLY B 107 4.22 -2.05 10.00
C GLY B 107 3.75 -0.84 10.77
N THR B 108 4.34 0.33 10.46
CA THR B 108 3.92 1.57 11.11
C THR B 108 3.60 2.60 10.06
N VAL B 109 2.83 3.63 10.44
CA VAL B 109 2.59 4.77 9.58
C VAL B 109 3.93 5.46 9.28
N SER B 110 4.77 5.65 10.30
CA SER B 110 6.06 6.33 10.09
C SER B 110 6.98 5.57 9.11
N GLY B 111 7.03 4.24 9.20
CA GLY B 111 7.84 3.45 8.28
C GLY B 111 7.33 3.58 6.85
N THR B 112 5.99 3.57 6.68
CA THR B 112 5.36 3.71 5.37
C THR B 112 5.67 5.10 4.79
N LEU B 113 5.64 6.14 5.64
CA LEU B 113 5.98 7.51 5.21
C LEU B 113 7.41 7.59 4.71
N ILE B 114 8.34 7.00 5.48
CA ILE B 114 9.76 7.00 5.10
C ILE B 114 9.94 6.21 3.77
N GLY B 115 9.20 5.11 3.62
CA GLY B 115 9.23 4.35 2.37
C GLY B 115 8.74 5.15 1.17
N LEU B 116 7.60 5.85 1.31
CA LEU B 116 7.07 6.68 0.22
C LEU B 116 8.10 7.78 -0.18
N GLU B 117 8.78 8.37 0.82
CA GLU B 117 9.82 9.37 0.55
C GLU B 117 11.01 8.73 -0.21
N PHE B 118 11.39 7.50 0.18
CA PHE B 118 12.49 6.77 -0.48
C PHE B 118 12.17 6.56 -1.97
N ILE B 119 10.91 6.27 -2.29
CA ILE B 119 10.49 6.07 -3.69
C ILE B 119 10.68 7.36 -4.49
N ARG B 120 10.18 8.49 -3.97
CA ARG B 120 10.33 9.77 -4.65
C ARG B 120 11.82 10.14 -4.80
N LYS B 121 12.63 9.94 -3.75
CA LYS B 121 14.06 10.26 -3.80
C LYS B 121 14.75 9.41 -4.91
N SER B 122 14.40 8.12 -4.97
CA SER B 122 14.96 7.20 -5.96
C SER B 122 14.62 7.67 -7.38
N GLN B 123 13.38 8.12 -7.58
CA GLN B 123 12.91 8.60 -8.86
C GLN B 123 13.65 9.85 -9.31
N LEU B 124 13.89 10.78 -8.37
CA LEU B 124 14.58 12.02 -8.72
C LEU B 124 16.04 11.79 -9.13
N VAL B 125 16.70 10.80 -8.51
CA VAL B 125 18.12 10.47 -8.74
C VAL B 125 18.28 9.77 -10.09
N GLN B 126 17.34 8.87 -10.42
CA GLN B 126 17.46 8.09 -11.65
C GLN B 126 16.09 7.83 -12.27
N PRO B 127 15.52 8.84 -12.94
CA PRO B 127 14.18 8.67 -13.52
C PRO B 127 14.12 7.63 -14.62
N VAL B 128 13.03 6.87 -14.65
CA VAL B 128 12.76 5.88 -15.68
C VAL B 128 11.35 6.21 -16.29
N GLY B 129 10.46 5.23 -16.56
CA GLY B 129 9.15 5.51 -17.10
C GLY B 129 8.12 5.81 -16.01
N PRO B 130 6.84 5.69 -16.36
CA PRO B 130 5.78 5.91 -15.34
C PRO B 130 5.93 4.95 -14.17
N LEU B 131 5.62 5.44 -12.97
CA LEU B 131 5.72 4.63 -11.76
C LEU B 131 4.34 4.33 -11.23
N VAL B 132 4.17 3.10 -10.74
CA VAL B 132 2.97 2.65 -10.04
C VAL B 132 3.42 2.18 -8.66
N VAL B 133 2.79 2.67 -7.59
CA VAL B 133 3.14 2.28 -6.22
C VAL B 133 1.99 1.43 -5.63
N LEU B 134 2.28 0.19 -5.26
CA LEU B 134 1.29 -0.72 -4.68
C LEU B 134 1.45 -0.74 -3.13
N LEU B 135 0.37 -0.38 -2.40
CA LEU B 135 0.32 -0.32 -0.92
C LEU B 135 -0.72 -1.34 -0.45
N PRO B 136 -0.30 -2.59 -0.27
CA PRO B 136 -1.25 -3.66 0.09
C PRO B 136 -1.39 -3.77 1.60
N LEU B 137 -1.75 -2.66 2.20
CA LEU B 137 -1.80 -2.54 3.64
C LEU B 137 -2.83 -1.53 4.07
N ALA B 138 -3.20 -1.56 5.36
CA ALA B 138 -4.17 -0.60 5.87
C ALA B 138 -4.01 -0.43 7.35
N GLY B 139 -4.28 0.77 7.81
CA GLY B 139 -4.37 1.13 9.21
C GLY B 139 -5.61 2.00 9.40
N GLY B 140 -5.75 2.60 10.58
CA GLY B 140 -6.87 3.50 10.82
C GLY B 140 -6.69 4.77 10.01
N TYR B 141 -7.75 5.59 9.88
CA TYR B 141 -7.65 6.88 9.17
C TYR B 141 -6.44 7.69 9.67
N SER B 142 -5.56 8.12 8.75
CA SER B 142 -4.35 8.84 9.12
C SER B 142 -4.22 10.11 8.29
N ARG B 143 -4.23 11.28 8.95
CA ARG B 143 -4.07 12.53 8.21
C ARG B 143 -2.73 12.57 7.48
N VAL B 144 -1.65 12.17 8.16
CA VAL B 144 -0.32 12.25 7.57
C VAL B 144 -0.13 11.24 6.43
N LEU B 145 -0.62 10.00 6.60
CA LEU B 145 -0.49 9.02 5.50
C LEU B 145 -1.30 9.45 4.28
N ASN B 146 -2.52 10.00 4.48
CA ASN B 146 -3.31 10.48 3.36
C ASN B 146 -2.62 11.64 2.65
N ALA B 147 -2.01 12.55 3.45
CA ALA B 147 -1.31 13.72 2.92
C ALA B 147 -0.09 13.31 2.09
N ALA B 148 0.70 12.34 2.58
CA ALA B 148 1.91 11.89 1.86
C ALA B 148 1.52 11.23 0.54
N CYS B 149 0.42 10.46 0.55
CA CYS B 149 -0.11 9.81 -0.63
C CYS B 149 -0.61 10.84 -1.64
N GLN B 150 -1.33 11.86 -1.15
CA GLN B 150 -1.84 12.91 -2.01
C GLN B 150 -0.68 13.67 -2.69
N ARG B 151 0.39 13.95 -1.94
CA ARG B 151 1.55 14.66 -2.49
C ARG B 151 2.31 13.83 -3.52
N LEU B 152 2.43 12.51 -3.29
CA LEU B 152 3.12 11.66 -4.27
C LEU B 152 2.27 11.54 -5.55
N ALA B 153 0.94 11.43 -5.40
CA ALA B 153 0.05 11.39 -6.57
C ALA B 153 0.10 12.72 -7.35
N ARG B 154 0.09 13.84 -6.64
CA ARG B 154 0.17 15.17 -7.29
C ARG B 154 1.50 15.35 -8.03
N ALA B 155 2.58 14.69 -7.54
CA ALA B 155 3.90 14.71 -8.19
C ALA B 155 3.96 13.81 -9.45
N GLY B 156 2.87 13.14 -9.80
CA GLY B 156 2.76 12.34 -11.02
C GLY B 156 2.92 10.84 -10.86
N VAL B 157 2.94 10.35 -9.61
CA VAL B 157 3.09 8.92 -9.37
C VAL B 157 1.70 8.26 -9.16
N VAL B 158 1.45 7.08 -9.76
CA VAL B 158 0.14 6.40 -9.61
C VAL B 158 0.17 5.50 -8.37
N LEU B 159 -0.76 5.68 -7.41
CA LEU B 159 -0.80 4.87 -6.18
C LEU B 159 -2.05 3.98 -6.19
N VAL B 160 -1.88 2.69 -5.84
CA VAL B 160 -2.96 1.72 -5.78
C VAL B 160 -2.92 1.08 -4.39
N THR B 161 -4.07 1.03 -3.70
CA THR B 161 -4.07 0.44 -2.34
C THR B 161 -5.23 -0.53 -2.13
N ALA B 162 -5.08 -1.42 -1.15
CA ALA B 162 -6.14 -2.34 -0.75
C ALA B 162 -7.26 -1.55 -0.02
N ALA B 163 -8.52 -1.91 -0.27
CA ALA B 163 -9.64 -1.23 0.41
C ALA B 163 -9.69 -1.56 1.91
N GLY B 164 -9.13 -2.71 2.30
CA GLY B 164 -9.17 -3.18 3.69
C GLY B 164 -10.09 -4.39 3.80
N ASN B 165 -9.77 -5.27 4.74
CA ASN B 165 -10.47 -6.55 4.90
C ASN B 165 -11.38 -6.57 6.14
N PHE B 166 -12.01 -5.44 6.48
CA PHE B 166 -12.78 -5.29 7.72
C PHE B 166 -14.32 -5.27 7.55
N ARG B 167 -14.85 -5.58 6.34
CA ARG B 167 -16.29 -5.56 6.00
C ARG B 167 -16.92 -4.26 6.53
N ASP B 168 -16.24 -3.15 6.23
CA ASP B 168 -16.56 -1.85 6.76
C ASP B 168 -16.36 -0.75 5.71
N ASP B 169 -16.69 0.49 6.08
CA ASP B 169 -16.53 1.64 5.22
C ASP B 169 -15.03 1.93 5.08
N ALA B 170 -14.52 1.86 3.84
CA ALA B 170 -13.10 2.11 3.55
C ALA B 170 -12.65 3.51 3.94
N CYS B 171 -13.59 4.49 4.05
CA CYS B 171 -13.23 5.86 4.45
C CYS B 171 -12.68 5.95 5.88
N LEU B 172 -12.84 4.87 6.70
CA LEU B 172 -12.31 4.88 8.07
C LEU B 172 -10.88 4.33 8.18
N TYR B 173 -10.26 4.01 7.02
CA TYR B 173 -8.94 3.41 6.95
C TYR B 173 -8.00 4.19 6.03
N SER B 174 -6.70 4.01 6.25
CA SER B 174 -5.70 4.64 5.39
C SER B 174 -4.64 3.62 4.95
N PRO B 175 -4.09 3.79 3.74
CA PRO B 175 -4.37 4.84 2.74
C PRO B 175 -5.65 4.70 1.90
N ALA B 176 -6.54 3.74 2.26
CA ALA B 176 -7.80 3.51 1.51
C ALA B 176 -8.63 4.79 1.32
N SER B 177 -8.70 5.61 2.35
CA SER B 177 -9.49 6.84 2.36
C SER B 177 -8.88 8.03 1.58
N ALA B 178 -7.62 7.93 1.12
CA ALA B 178 -7.03 9.04 0.35
C ALA B 178 -7.71 9.11 -1.06
N PRO B 179 -8.40 10.22 -1.41
CA PRO B 179 -9.11 10.28 -2.72
C PRO B 179 -8.23 10.12 -3.96
N GLU B 180 -6.97 10.58 -3.89
CA GLU B 180 -6.04 10.54 -5.01
C GLU B 180 -5.48 9.11 -5.25
N VAL B 181 -5.62 8.20 -4.29
CA VAL B 181 -5.13 6.82 -4.41
C VAL B 181 -6.25 5.95 -5.03
N ILE B 182 -5.92 5.01 -5.93
CA ILE B 182 -6.91 4.11 -6.50
C ILE B 182 -7.13 3.01 -5.42
N THR B 183 -8.34 2.93 -4.86
CA THR B 183 -8.67 2.02 -3.76
C THR B 183 -9.46 0.84 -4.27
N VAL B 184 -8.95 -0.37 -4.01
CA VAL B 184 -9.52 -1.58 -4.62
C VAL B 184 -10.14 -2.59 -3.67
N GLY B 185 -11.44 -2.88 -3.84
CA GLY B 185 -12.13 -3.91 -3.07
C GLY B 185 -11.95 -5.28 -3.72
N ALA B 186 -12.36 -6.37 -3.04
CA ALA B 186 -12.18 -7.72 -3.61
C ALA B 186 -13.47 -8.41 -3.97
N THR B 187 -13.50 -9.06 -5.14
CA THR B 187 -14.61 -9.91 -5.55
C THR B 187 -14.15 -11.36 -5.80
N ASN B 188 -15.07 -12.32 -5.75
CA ASN B 188 -14.73 -13.74 -5.93
C ASN B 188 -15.12 -14.26 -7.34
N ALA B 189 -14.98 -15.59 -7.61
CA ALA B 189 -15.30 -16.21 -8.91
C ALA B 189 -16.77 -16.06 -9.34
N GLN B 190 -17.66 -15.81 -8.38
CA GLN B 190 -19.07 -15.58 -8.68
C GLN B 190 -19.36 -14.04 -8.85
N ASP B 191 -18.30 -13.20 -8.89
CA ASP B 191 -18.27 -11.74 -8.98
C ASP B 191 -18.96 -11.08 -7.76
N GLN B 192 -18.96 -11.76 -6.61
CA GLN B 192 -19.56 -11.24 -5.38
C GLN B 192 -18.50 -10.75 -4.39
N PRO B 193 -18.81 -9.83 -3.46
CA PRO B 193 -17.78 -9.33 -2.55
C PRO B 193 -17.18 -10.45 -1.70
N VAL B 194 -15.86 -10.44 -1.49
CA VAL B 194 -15.21 -11.54 -0.77
C VAL B 194 -15.48 -11.56 0.75
N THR B 195 -15.84 -12.74 1.28
CA THR B 195 -15.94 -12.92 2.72
C THR B 195 -14.60 -13.50 3.20
N LEU B 196 -14.09 -13.00 4.33
CA LEU B 196 -12.83 -13.41 4.94
C LEU B 196 -13.10 -13.66 6.42
N GLY B 197 -13.36 -14.91 6.79
CA GLY B 197 -13.71 -15.27 8.16
C GLY B 197 -15.06 -14.67 8.48
N THR B 198 -15.15 -13.88 9.57
CA THR B 198 -16.39 -13.16 9.87
C THR B 198 -16.41 -11.76 9.25
N LEU B 199 -15.29 -11.32 8.63
CA LEU B 199 -15.23 -10.03 7.97
C LEU B 199 -15.23 -10.23 6.43
N GLY B 200 -14.50 -9.40 5.69
CA GLY B 200 -14.45 -9.46 4.24
C GLY B 200 -14.07 -8.13 3.65
N THR B 201 -14.25 -7.96 2.33
CA THR B 201 -13.85 -6.69 1.69
C THR B 201 -14.56 -5.47 2.25
N ASN B 202 -13.82 -4.34 2.30
CA ASN B 202 -14.41 -3.06 2.62
C ASN B 202 -15.22 -2.57 1.40
N PHE B 203 -16.02 -1.55 1.61
CA PHE B 203 -16.92 -1.01 0.61
C PHE B 203 -17.11 0.52 0.84
N GLY B 204 -18.07 1.11 0.13
CA GLY B 204 -18.38 2.53 0.31
C GLY B 204 -17.82 3.46 -0.74
N ARG B 205 -18.03 4.77 -0.53
CA ARG B 205 -17.62 5.81 -1.49
C ARG B 205 -16.10 6.00 -1.66
N CYS B 206 -15.27 5.49 -0.74
CA CYS B 206 -13.82 5.60 -0.89
C CYS B 206 -13.25 4.46 -1.75
N VAL B 207 -14.07 3.45 -2.14
CA VAL B 207 -13.61 2.39 -3.03
C VAL B 207 -13.82 2.84 -4.48
N ASP B 208 -12.79 2.71 -5.33
CA ASP B 208 -12.89 3.10 -6.73
C ASP B 208 -13.45 1.97 -7.59
N LEU B 209 -13.03 0.73 -7.32
CA LEU B 209 -13.49 -0.43 -8.08
C LEU B 209 -13.10 -1.71 -7.35
N PHE B 210 -13.61 -2.84 -7.82
CA PHE B 210 -13.29 -4.16 -7.27
C PHE B 210 -12.45 -4.95 -8.27
N ALA B 211 -11.78 -5.99 -7.80
CA ALA B 211 -11.00 -6.85 -8.67
C ALA B 211 -10.91 -8.23 -8.02
N PRO B 212 -10.53 -9.27 -8.78
CA PRO B 212 -10.40 -10.63 -8.21
C PRO B 212 -9.55 -10.68 -6.94
N GLY B 213 -10.10 -11.26 -5.86
CA GLY B 213 -9.42 -11.27 -4.58
C GLY B 213 -9.71 -12.47 -3.71
N GLU B 214 -10.15 -13.58 -4.32
CA GLU B 214 -10.38 -14.81 -3.56
C GLU B 214 -9.75 -15.99 -4.32
N ASP B 215 -9.02 -16.87 -3.60
CA ASP B 215 -8.39 -18.06 -4.18
C ASP B 215 -7.54 -17.69 -5.42
N ILE B 216 -6.61 -16.75 -5.24
CA ILE B 216 -5.74 -16.26 -6.30
C ILE B 216 -4.43 -17.05 -6.32
N ILE B 217 -4.18 -17.79 -7.41
CA ILE B 217 -2.94 -18.54 -7.53
C ILE B 217 -1.75 -17.58 -7.68
N GLY B 218 -0.71 -17.79 -6.90
CA GLY B 218 0.48 -16.97 -6.98
C GLY B 218 1.68 -17.62 -6.33
N ALA B 219 2.87 -17.04 -6.50
CA ALA B 219 4.09 -17.59 -5.93
C ALA B 219 3.99 -17.84 -4.43
N SER B 220 4.42 -19.04 -4.00
CA SER B 220 4.48 -19.42 -2.60
C SER B 220 5.95 -19.41 -2.20
N SER B 221 6.29 -18.78 -1.07
CA SER B 221 7.66 -18.75 -0.56
C SER B 221 8.09 -20.08 0.11
N ASP B 222 7.24 -21.12 0.08
CA ASP B 222 7.61 -22.41 0.67
C ASP B 222 8.76 -23.09 -0.12
N CYS B 223 8.85 -22.82 -1.42
CA CYS B 223 9.89 -23.38 -2.30
C CYS B 223 10.01 -22.54 -3.59
N SER B 224 11.16 -22.62 -4.26
CA SER B 224 11.41 -21.79 -5.45
C SER B 224 10.45 -21.99 -6.62
N THR B 225 9.70 -23.10 -6.67
CA THR B 225 8.72 -23.32 -7.75
C THR B 225 7.29 -23.53 -7.23
N CYS B 226 7.05 -23.30 -5.93
CA CYS B 226 5.77 -23.54 -5.29
C CYS B 226 4.78 -22.40 -5.56
N PHE B 227 3.49 -22.74 -5.57
CA PHE B 227 2.37 -21.84 -5.80
C PHE B 227 1.30 -22.12 -4.76
N VAL B 228 0.58 -21.07 -4.34
CA VAL B 228 -0.47 -21.20 -3.33
C VAL B 228 -1.56 -20.19 -3.62
N SER B 229 -2.80 -20.51 -3.23
CA SER B 229 -3.88 -19.57 -3.40
C SER B 229 -4.01 -18.69 -2.16
N GLN B 230 -4.25 -17.39 -2.35
CA GLN B 230 -4.43 -16.44 -1.24
C GLN B 230 -5.64 -15.54 -1.54
N SER B 231 -6.24 -14.98 -0.48
CA SER B 231 -7.38 -14.09 -0.65
C SER B 231 -7.19 -12.81 0.16
N GLY B 232 -7.81 -11.74 -0.32
CA GLY B 232 -7.76 -10.46 0.36
C GLY B 232 -7.78 -9.26 -0.56
N THR B 233 -8.02 -8.06 0.01
CA THR B 233 -7.99 -6.86 -0.81
C THR B 233 -6.58 -6.54 -1.31
N SER B 234 -5.52 -7.12 -0.68
CA SER B 234 -4.13 -6.96 -1.18
C SER B 234 -4.06 -7.59 -2.58
N GLN B 235 -4.60 -8.82 -2.74
CA GLN B 235 -4.58 -9.53 -4.03
C GLN B 235 -5.37 -8.75 -5.08
N ALA B 236 -6.49 -8.14 -4.67
CA ALA B 236 -7.32 -7.37 -5.59
C ALA B 236 -6.54 -6.12 -6.06
N ALA B 237 -5.90 -5.40 -5.10
CA ALA B 237 -5.10 -4.22 -5.42
C ALA B 237 -3.95 -4.58 -6.36
N ALA B 238 -3.33 -5.78 -6.15
CA ALA B 238 -2.24 -6.21 -7.04
C ALA B 238 -2.73 -6.40 -8.49
N HIS B 239 -3.98 -6.89 -8.70
CA HIS B 239 -4.53 -7.00 -10.04
C HIS B 239 -4.64 -5.61 -10.68
N VAL B 240 -5.13 -4.62 -9.93
CA VAL B 240 -5.29 -3.28 -10.49
C VAL B 240 -3.93 -2.64 -10.77
N ALA B 241 -2.90 -2.90 -9.91
CA ALA B 241 -1.56 -2.39 -10.20
C ALA B 241 -1.05 -2.99 -11.54
N GLY B 242 -1.33 -4.28 -11.77
CA GLY B 242 -0.93 -4.92 -13.02
C GLY B 242 -1.65 -4.37 -14.23
N ILE B 243 -2.96 -4.17 -14.12
CA ILE B 243 -3.78 -3.61 -15.19
C ILE B 243 -3.34 -2.16 -15.47
N ALA B 244 -3.05 -1.37 -14.41
CA ALA B 244 -2.60 0.01 -14.59
C ALA B 244 -1.24 0.02 -15.29
N ALA B 245 -0.34 -0.94 -14.95
CA ALA B 245 0.97 -1.03 -15.62
C ALA B 245 0.77 -1.32 -17.11
N MET B 246 -0.17 -2.21 -17.45
CA MET B 246 -0.48 -2.53 -18.85
C MET B 246 -1.08 -1.32 -19.59
N MET B 247 -2.01 -0.61 -18.96
CA MET B 247 -2.63 0.56 -19.60
C MET B 247 -1.64 1.69 -19.80
N LEU B 248 -0.79 1.96 -18.79
CA LEU B 248 0.23 3.02 -18.89
C LEU B 248 1.35 2.64 -19.89
N SER B 249 1.66 1.36 -20.02
CA SER B 249 2.68 0.95 -20.98
C SER B 249 2.14 1.12 -22.43
N ALA B 250 0.83 0.89 -22.63
CA ALA B 250 0.19 1.05 -23.94
C ALA B 250 -0.02 2.54 -24.28
N GLU B 251 -0.33 3.36 -23.26
CA GLU B 251 -0.57 4.80 -23.44
C GLU B 251 0.22 5.56 -22.37
N PRO B 252 1.55 5.71 -22.55
CA PRO B 252 2.38 6.31 -21.48
C PRO B 252 2.10 7.76 -21.12
N GLU B 253 1.42 8.52 -21.98
CA GLU B 253 1.15 9.94 -21.68
C GLU B 253 -0.12 10.13 -20.80
N LEU B 254 -0.82 9.05 -20.42
CA LEU B 254 -2.05 9.18 -19.62
C LEU B 254 -1.78 9.90 -18.30
N THR B 255 -2.65 10.85 -17.93
CA THR B 255 -2.54 11.48 -16.60
C THR B 255 -3.28 10.53 -15.61
N LEU B 256 -3.16 10.78 -14.29
CA LEU B 256 -3.89 9.99 -13.29
C LEU B 256 -5.40 10.02 -13.55
N ALA B 257 -5.97 11.22 -13.83
CA ALA B 257 -7.41 11.32 -14.12
C ALA B 257 -7.81 10.47 -15.32
N GLU B 258 -7.00 10.49 -16.39
CA GLU B 258 -7.29 9.70 -17.59
C GLU B 258 -7.19 8.21 -17.31
N LEU B 259 -6.18 7.79 -16.51
CA LEU B 259 -6.01 6.38 -16.17
C LEU B 259 -7.23 5.89 -15.37
N ARG B 260 -7.70 6.70 -14.42
CA ARG B 260 -8.87 6.32 -13.63
C ARG B 260 -10.10 6.14 -14.52
N GLN B 261 -10.26 7.04 -15.52
CA GLN B 261 -11.35 6.97 -16.50
C GLN B 261 -11.26 5.67 -17.30
N ARG B 262 -10.03 5.26 -17.72
CA ARG B 262 -9.82 4.02 -18.49
C ARG B 262 -10.19 2.82 -17.63
N LEU B 263 -9.77 2.79 -16.35
CA LEU B 263 -10.08 1.67 -15.46
C LEU B 263 -11.61 1.50 -15.32
N ILE B 264 -12.35 2.61 -15.18
CA ILE B 264 -13.80 2.53 -15.04
C ILE B 264 -14.46 2.08 -16.34
N HIS B 265 -14.02 2.68 -17.47
CA HIS B 265 -14.56 2.34 -18.80
C HIS B 265 -14.46 0.85 -19.15
N PHE B 266 -13.29 0.24 -18.92
CA PHE B 266 -13.08 -1.16 -19.27
C PHE B 266 -13.54 -2.16 -18.20
N SER B 267 -13.94 -1.68 -17.01
CA SER B 267 -14.44 -2.57 -15.96
C SER B 267 -15.78 -3.22 -16.39
N ALA B 268 -16.06 -4.42 -15.87
CA ALA B 268 -17.36 -5.06 -16.09
C ALA B 268 -18.32 -4.34 -15.14
N LYS B 269 -19.53 -3.99 -15.63
CA LYS B 269 -20.46 -3.21 -14.83
C LYS B 269 -21.68 -3.98 -14.34
N ASP B 270 -22.15 -3.62 -13.13
CA ASP B 270 -23.34 -4.18 -12.49
C ASP B 270 -23.36 -5.70 -12.33
N VAL B 271 -22.20 -6.35 -12.14
CA VAL B 271 -22.18 -7.79 -11.93
C VAL B 271 -22.18 -8.19 -10.44
N ILE B 272 -21.96 -7.23 -9.52
CA ILE B 272 -21.98 -7.52 -8.10
C ILE B 272 -23.43 -7.42 -7.54
N ASN B 273 -23.87 -8.37 -6.68
CA ASN B 273 -25.20 -8.27 -6.06
C ASN B 273 -25.01 -7.32 -4.90
N GLU B 274 -25.58 -6.12 -5.00
CA GLU B 274 -25.45 -5.08 -4.00
C GLU B 274 -26.05 -5.43 -2.63
N ALA B 275 -26.87 -6.52 -2.55
CA ALA B 275 -27.47 -6.94 -1.28
C ALA B 275 -26.45 -7.35 -0.22
N TRP B 276 -25.21 -7.71 -0.64
CA TRP B 276 -24.15 -8.09 0.29
C TRP B 276 -23.72 -6.90 1.14
N PHE B 277 -23.74 -5.69 0.58
CA PHE B 277 -23.32 -4.50 1.30
C PHE B 277 -24.44 -4.01 2.20
N PRO B 278 -24.12 -3.32 3.31
CA PRO B 278 -25.18 -2.70 4.14
C PRO B 278 -26.05 -1.76 3.28
N GLU B 279 -27.34 -1.68 3.63
CA GLU B 279 -28.36 -0.91 2.91
C GLU B 279 -27.93 0.49 2.43
N ASP B 280 -27.41 1.35 3.31
CA ASP B 280 -27.01 2.70 2.93
C ASP B 280 -25.75 2.79 2.08
N GLN B 281 -24.99 1.68 1.94
CA GLN B 281 -23.75 1.68 1.17
C GLN B 281 -23.92 1.23 -0.30
N ARG B 282 -25.09 0.68 -0.64
CA ARG B 282 -25.35 0.17 -1.99
C ARG B 282 -25.24 1.25 -3.07
N VAL B 283 -25.81 2.45 -2.86
CA VAL B 283 -25.69 3.52 -3.87
C VAL B 283 -24.32 4.19 -3.87
N LEU B 284 -23.56 4.07 -2.78
CA LEU B 284 -22.25 4.70 -2.68
C LEU B 284 -21.11 3.81 -3.18
N THR B 285 -21.31 2.50 -3.24
CA THR B 285 -20.27 1.57 -3.66
C THR B 285 -20.32 1.34 -5.16
N PRO B 286 -19.21 1.62 -5.87
CA PRO B 286 -19.22 1.43 -7.33
C PRO B 286 -19.33 -0.03 -7.73
N ASN B 287 -20.27 -0.35 -8.62
CA ASN B 287 -20.47 -1.73 -9.05
C ASN B 287 -19.62 -1.98 -10.29
N LEU B 288 -18.30 -2.10 -10.08
CA LEU B 288 -17.31 -2.27 -11.15
C LEU B 288 -16.31 -3.36 -10.78
N VAL B 289 -16.01 -4.26 -11.73
CA VAL B 289 -14.97 -5.26 -11.53
C VAL B 289 -13.92 -5.03 -12.62
N ALA B 290 -12.68 -4.70 -12.22
CA ALA B 290 -11.58 -4.38 -13.15
C ALA B 290 -11.37 -5.40 -14.27
N ALA B 291 -10.91 -4.91 -15.43
CA ALA B 291 -10.57 -5.75 -16.58
C ALA B 291 -9.60 -5.04 -17.51
N LEU B 292 -8.79 -5.82 -18.20
CA LEU B 292 -7.86 -5.33 -19.20
C LEU B 292 -8.63 -4.78 -20.41
N PRO B 293 -8.04 -3.82 -21.13
CA PRO B 293 -8.68 -3.35 -22.37
C PRO B 293 -8.51 -4.40 -23.48
N PRO B 294 -9.40 -4.41 -24.48
CA PRO B 294 -9.27 -5.41 -25.56
C PRO B 294 -8.22 -5.06 -26.62
CA YRV C 1 -8.66 -22.14 -7.66
C YRV C 1 -7.89 -22.29 -6.35
C93 YRV C 1 -5.21 -23.85 -13.89
CB YRV C 1 -7.82 -21.48 -8.74
CA4 YRV C 1 -9.08 -22.98 -10.83
CA5 YRV C 1 -7.84 -23.73 -11.15
CA6 YRV C 1 -7.37 -24.72 -10.31
CA7 YRV C 1 -6.20 -25.43 -10.61
CA8 YRV C 1 -5.50 -25.14 -11.79
CA9 YRV C 1 -5.96 -24.15 -12.64
CAA YRV C 1 -7.13 -23.44 -12.33
O YRV C 1 -6.71 -21.94 -6.26
SG YRV C 1 -8.68 -21.27 -10.33
N LYS C 2 -8.57 -22.79 -5.32
CA LYS C 2 -7.98 -22.97 -3.99
C LYS C 2 -6.99 -24.14 -3.94
N GLY C 3 -5.85 -23.95 -3.29
CA GLY C 3 -4.86 -25.01 -3.13
C GLY C 3 -3.42 -24.60 -2.93
N FTR C 4 -2.53 -25.61 -2.97
CA FTR C 4 -1.09 -25.47 -2.82
CB FTR C 4 -0.64 -25.73 -1.38
CG FTR C 4 0.83 -25.57 -1.14
CD2 FTR C 4 1.87 -26.54 -1.41
CE2 FTR C 4 3.09 -25.96 -1.02
CE3 FTR C 4 1.87 -27.84 -1.95
CD1 FTR C 4 1.46 -24.49 -0.60
NE1 FTR C 4 2.81 -24.72 -0.50
CZ2 FTR C 4 4.31 -26.60 -1.18
CZ3 FTR C 4 3.09 -28.44 -2.12
F FTR C 4 3.13 -29.68 -2.70
CH2 FTR C 4 4.30 -27.86 -1.76
C FTR C 4 -0.47 -26.48 -3.77
O FTR C 4 -0.93 -27.63 -3.81
N FTR C 5 0.60 -26.09 -4.48
CA FTR C 5 1.23 -26.98 -5.46
CB FTR C 5 0.64 -26.75 -6.86
CG FTR C 5 -0.86 -26.73 -6.94
CD2 FTR C 5 -1.72 -25.60 -6.71
CE2 FTR C 5 -3.04 -26.02 -6.94
CE3 FTR C 5 -1.48 -24.27 -6.31
CD1 FTR C 5 -1.67 -27.74 -7.34
NE1 FTR C 5 -2.99 -27.35 -7.32
CZ2 FTR C 5 -4.14 -25.17 -6.78
CZ3 FTR C 5 -2.57 -23.47 -6.15
F FTR C 5 -2.37 -22.17 -5.80
CH2 FTR C 5 -3.88 -23.87 -6.39
C FTR C 5 2.74 -26.74 -5.46
O FTR C 5 3.17 -25.62 -5.21
N ASP C 6 3.54 -27.77 -5.81
CA ASP C 6 4.99 -27.57 -5.90
C ASP C 6 5.47 -27.13 -7.31
N HIS C 7 4.52 -26.77 -8.19
CA HIS C 7 4.79 -26.30 -9.55
C HIS C 7 3.57 -25.49 -10.02
N TYR C 8 3.69 -24.74 -11.13
CA TYR C 8 2.55 -23.95 -11.63
C TYR C 8 1.38 -24.90 -11.99
CB 3WX C 9 -1.97 -25.36 -10.43
CA 3WX C 9 -0.86 -25.81 -11.38
CG 3WX C 9 -1.65 -23.87 -10.21
C 3WX C 9 -1.48 -25.86 -12.80
N 3WX C 9 0.27 -24.88 -11.20
O 3WX C 9 -2.00 -26.89 -13.20
C39 3WX C 9 -0.42 -27.20 -10.98
CD 3WX C 9 -0.14 -23.84 -10.24
N CYS C 10 -1.45 -24.74 -13.54
CA CYS C 10 -2.06 -24.70 -14.87
C CYS C 10 -1.09 -25.06 -16.02
N ALA C 11 0.15 -25.45 -15.70
C1 GOL D . -8.04 18.56 19.64
O1 GOL D . -8.38 17.24 20.02
C2 GOL D . -6.63 18.61 19.09
O2 GOL D . -6.63 18.22 17.73
C3 GOL D . -6.05 20.00 19.22
O3 GOL D . -4.64 19.96 18.99
#